data_6B3L
#
_entry.id   6B3L
#
_cell.length_a   99.910
_cell.length_b   99.910
_cell.length_c   99.910
_cell.angle_alpha   90.00
_cell.angle_beta   90.00
_cell.angle_gamma   90.00
#
_symmetry.space_group_name_H-M   'P 21 3'
#
loop_
_entity.id
_entity.type
_entity.pdbx_description
1 polymer 'Purine nucleoside phosphorylase'
2 non-polymer 'DIMETHYL SULFOXIDE'
3 non-polymer INDAN-2-AMINE
4 water water
#
_entity_poly.entity_id   1
_entity_poly.type   'polypeptide(L)'
_entity_poly.pdbx_seq_one_letter_code
;MTTPVVANYENASMAADYIKRVSNVLPDIGII(CME)GSGLGKLIEEIEERKVIPYINIPNFPKTTVAGHVGNLVLGSVG
GRKIVAMQGRLHMYEGYSNQEIALPIRVMKLLGVRVLLITNLAGGINRKLKSGDFVLIKGHINFPGLGLNNVLVGPNQDE
FGPRFPDLSNAYDRLLQQLALKIAQENDFQDLVHEGVYAFNGGPTYESPDESNMLLKLGCDVVGMSTVPEVIIACHCGIK
VLAVSLIANNSILDAENDVSINHEKVLAVAEKRADLLQMWFKEIITRLPLD
;
_entity_poly.pdbx_strand_id   A
#
# COMPACT_ATOMS: atom_id res chain seq x y z
N VAL A 5 -3.87 -21.00 -7.97
CA VAL A 5 -3.70 -20.25 -9.21
C VAL A 5 -2.40 -19.41 -9.17
N VAL A 6 -1.52 -19.59 -10.16
CA VAL A 6 -0.25 -18.86 -10.23
C VAL A 6 -0.48 -17.47 -10.85
N ALA A 7 0.29 -16.49 -10.37
CA ALA A 7 0.21 -15.12 -10.88
C ALA A 7 1.03 -14.97 -12.17
N ASN A 8 0.65 -15.76 -13.17
CA ASN A 8 1.37 -15.79 -14.44
C ASN A 8 0.67 -14.94 -15.51
N TYR A 9 1.31 -14.85 -16.68
CA TYR A 9 0.83 -13.98 -17.76
C TYR A 9 -0.54 -14.40 -18.28
N GLU A 10 -0.77 -15.71 -18.47
CA GLU A 10 -2.06 -16.16 -18.99
C GLU A 10 -3.18 -15.88 -18.00
N ASN A 11 -2.95 -16.15 -16.72
CA ASN A 11 -4.04 -16.00 -15.75
C ASN A 11 -4.36 -14.51 -15.52
N ALA A 12 -3.32 -13.66 -15.46
CA ALA A 12 -3.54 -12.21 -15.36
C ALA A 12 -4.22 -11.66 -16.61
N SER A 13 -3.87 -12.17 -17.80
CA SER A 13 -4.51 -11.72 -19.03
C SER A 13 -6.01 -12.03 -19.05
N MET A 14 -6.41 -13.22 -18.56
N MET A 14 -6.41 -13.21 -18.55
CA MET A 14 -7.82 -13.57 -18.51
CA MET A 14 -7.84 -13.55 -18.53
C MET A 14 -8.60 -12.60 -17.60
C MET A 14 -8.61 -12.62 -17.59
N ALA A 15 -8.02 -12.27 -16.44
CA ALA A 15 -8.65 -11.31 -15.54
C ALA A 15 -8.77 -9.94 -16.20
N ALA A 16 -7.68 -9.46 -16.82
CA ALA A 16 -7.69 -8.14 -17.46
C ALA A 16 -8.72 -8.06 -18.57
N ASP A 17 -8.88 -9.14 -19.36
CA ASP A 17 -9.85 -9.12 -20.45
C ASP A 17 -11.28 -8.97 -19.91
N TYR A 18 -11.60 -9.65 -18.81
CA TYR A 18 -12.94 -9.54 -18.23
C TYR A 18 -13.20 -8.12 -17.76
N ILE A 19 -12.24 -7.53 -17.01
CA ILE A 19 -12.40 -6.16 -16.50
C ILE A 19 -12.60 -5.17 -17.63
N LYS A 20 -11.84 -5.32 -18.73
CA LYS A 20 -11.98 -4.38 -19.86
C LYS A 20 -13.36 -4.48 -20.50
N ARG A 21 -13.94 -5.67 -20.55
CA ARG A 21 -15.26 -5.85 -21.15
C ARG A 21 -16.35 -5.17 -20.33
N VAL A 22 -16.24 -5.19 -19.01
CA VAL A 22 -17.34 -4.70 -18.19
C VAL A 22 -17.17 -3.24 -17.77
N SER A 23 -15.99 -2.64 -17.92
CA SER A 23 -15.75 -1.33 -17.31
C SER A 23 -15.58 -0.19 -18.30
N ASN A 24 -14.93 -0.41 -19.43
CA ASN A 24 -14.70 0.64 -20.43
C ASN A 24 -13.83 1.78 -19.89
N VAL A 25 -13.07 1.55 -18.84
CA VAL A 25 -12.11 2.51 -18.30
C VAL A 25 -10.72 1.94 -18.48
N LEU A 26 -9.80 2.74 -19.04
CA LEU A 26 -8.41 2.31 -19.12
C LEU A 26 -7.58 3.12 -18.10
N PRO A 27 -7.25 2.54 -16.95
CA PRO A 27 -6.67 3.34 -15.86
C PRO A 27 -5.16 3.47 -16.02
N ASP A 28 -4.61 4.62 -15.62
CA ASP A 28 -3.15 4.72 -15.56
C ASP A 28 -2.62 4.90 -14.13
N ILE A 29 -3.51 4.94 -13.15
CA ILE A 29 -3.16 5.11 -11.74
C ILE A 29 -3.91 4.05 -10.93
N GLY A 30 -3.19 3.38 -10.02
CA GLY A 30 -3.79 2.43 -9.09
C GLY A 30 -3.68 2.94 -7.66
N ILE A 31 -4.66 2.58 -6.80
CA ILE A 31 -4.62 2.96 -5.38
C ILE A 31 -4.99 1.78 -4.49
N ILE A 32 -4.29 1.69 -3.37
CA ILE A 32 -4.51 0.72 -2.29
C ILE A 32 -4.50 1.51 -0.98
N GLY A 34 -5.24 2.16 3.29
CA GLY A 34 -5.12 1.55 4.60
C GLY A 34 -6.44 1.48 5.36
N SER A 35 -6.42 0.83 6.52
CA SER A 35 -7.64 0.60 7.27
C SER A 35 -8.22 1.93 7.77
N GLY A 36 -9.48 2.19 7.43
CA GLY A 36 -10.11 3.45 7.81
C GLY A 36 -9.76 4.61 6.90
N LEU A 37 -8.94 4.39 5.87
CA LEU A 37 -8.45 5.43 4.98
C LEU A 37 -8.98 5.30 3.55
N GLY A 38 -10.16 4.71 3.39
CA GLY A 38 -10.67 4.42 2.06
C GLY A 38 -11.76 5.32 1.54
N LYS A 39 -12.07 6.43 2.21
CA LYS A 39 -13.20 7.26 1.80
C LYS A 39 -13.03 7.80 0.37
N LEU A 40 -11.80 8.00 -0.10
CA LEU A 40 -11.60 8.48 -1.47
C LEU A 40 -12.24 7.54 -2.49
N ILE A 41 -12.28 6.24 -2.20
CA ILE A 41 -12.84 5.28 -3.15
C ILE A 41 -14.33 5.54 -3.38
N GLU A 42 -15.02 6.05 -2.36
CA GLU A 42 -16.45 6.32 -2.48
C GLU A 42 -16.76 7.57 -3.29
N GLU A 43 -15.75 8.38 -3.61
CA GLU A 43 -15.93 9.59 -4.40
C GLU A 43 -15.42 9.44 -5.84
N ILE A 44 -15.04 8.23 -6.26
CA ILE A 44 -14.68 8.01 -7.66
C ILE A 44 -15.90 8.30 -8.53
N GLU A 45 -15.69 9.11 -9.58
CA GLU A 45 -16.78 9.52 -10.47
C GLU A 45 -16.97 8.55 -11.61
N GLU A 46 -18.22 8.48 -12.10
CA GLU A 46 -18.58 7.62 -13.24
C GLU A 46 -18.04 6.21 -13.04
N ARG A 47 -18.35 5.64 -11.88
CA ARG A 47 -17.60 4.48 -11.45
C ARG A 47 -18.29 3.17 -11.80
N LYS A 48 -17.47 2.12 -11.82
CA LYS A 48 -17.89 0.74 -12.04
C LYS A 48 -17.33 -0.09 -10.91
N VAL A 49 -18.19 -0.80 -10.20
CA VAL A 49 -17.78 -1.65 -9.08
C VAL A 49 -17.81 -3.10 -9.55
N ILE A 50 -16.68 -3.79 -9.43
CA ILE A 50 -16.52 -5.17 -9.90
C ILE A 50 -16.17 -6.09 -8.72
N PRO A 51 -17.12 -6.90 -8.24
CA PRO A 51 -16.79 -7.85 -7.15
C PRO A 51 -15.65 -8.79 -7.55
N TYR A 52 -14.72 -9.01 -6.62
CA TYR A 52 -13.61 -9.93 -6.89
C TYR A 52 -14.13 -11.32 -7.31
N ILE A 53 -15.23 -11.79 -6.72
CA ILE A 53 -15.75 -13.12 -7.07
C ILE A 53 -16.09 -13.24 -8.57
N ASN A 54 -16.37 -12.12 -9.24
CA ASN A 54 -16.72 -12.16 -10.66
C ASN A 54 -15.50 -12.24 -11.59
N ILE A 55 -14.31 -11.92 -11.11
CA ILE A 55 -13.13 -11.74 -11.95
C ILE A 55 -12.41 -13.08 -12.08
N PRO A 56 -12.21 -13.61 -13.29
CA PRO A 56 -11.43 -14.85 -13.45
C PRO A 56 -10.08 -14.77 -12.74
N ASN A 57 -9.79 -15.81 -11.95
CA ASN A 57 -8.51 -16.06 -11.29
C ASN A 57 -8.21 -15.14 -10.11
N PHE A 58 -9.12 -14.24 -9.72
CA PHE A 58 -8.87 -13.45 -8.52
C PHE A 58 -8.95 -14.32 -7.26
N PRO A 59 -8.19 -13.96 -6.22
CA PRO A 59 -8.17 -14.80 -5.03
C PRO A 59 -9.49 -14.81 -4.28
N LYS A 60 -9.73 -15.93 -3.59
CA LYS A 60 -10.92 -16.10 -2.74
C LYS A 60 -10.67 -15.41 -1.40
N THR A 61 -11.56 -14.48 -1.01
CA THR A 61 -11.40 -13.72 0.23
C THR A 61 -12.57 -13.88 1.20
N THR A 62 -13.42 -14.91 1.05
CA THR A 62 -14.61 -15.03 1.90
C THR A 62 -14.32 -15.57 3.31
N VAL A 63 -13.12 -16.08 3.59
CA VAL A 63 -12.83 -16.52 4.95
C VAL A 63 -12.65 -15.32 5.86
N ALA A 64 -11.96 -14.28 5.38
CA ALA A 64 -11.83 -13.04 6.13
C ALA A 64 -13.10 -12.21 6.05
N GLY A 65 -13.85 -12.34 4.95
CA GLY A 65 -15.09 -11.61 4.82
C GLY A 65 -14.87 -10.13 4.52
N HIS A 66 -15.88 -9.34 4.87
CA HIS A 66 -15.90 -7.91 4.61
C HIS A 66 -15.85 -7.63 3.11
N VAL A 67 -15.56 -6.39 2.74
CA VAL A 67 -15.73 -5.98 1.34
C VAL A 67 -14.62 -6.53 0.45
N GLY A 68 -14.95 -6.75 -0.83
CA GLY A 68 -13.95 -7.10 -1.83
C GLY A 68 -14.32 -6.74 -3.27
N ASN A 69 -13.94 -5.53 -3.71
CA ASN A 69 -14.31 -5.01 -5.03
C ASN A 69 -13.12 -4.31 -5.68
N LEU A 70 -13.04 -4.37 -7.01
CA LEU A 70 -12.25 -3.41 -7.79
C LEU A 70 -13.18 -2.28 -8.22
N VAL A 71 -12.72 -1.04 -8.07
CA VAL A 71 -13.52 0.13 -8.46
C VAL A 71 -12.74 0.95 -9.49
N LEU A 72 -13.34 1.17 -10.66
CA LEU A 72 -12.72 1.94 -11.73
C LEU A 72 -13.53 3.20 -12.03
N GLY A 73 -12.82 4.29 -12.34
CA GLY A 73 -13.51 5.53 -12.65
C GLY A 73 -12.53 6.69 -12.71
N SER A 74 -13.05 7.91 -12.49
CA SER A 74 -12.28 9.14 -12.64
C SER A 74 -12.14 9.89 -11.32
N VAL A 75 -10.95 10.44 -11.08
CA VAL A 75 -10.67 11.34 -9.96
C VAL A 75 -9.82 12.48 -10.49
N GLY A 76 -10.26 13.72 -10.27
CA GLY A 76 -9.49 14.85 -10.75
C GLY A 76 -9.16 14.82 -12.23
N GLY A 77 -10.04 14.21 -13.03
CA GLY A 77 -9.82 14.13 -14.46
C GLY A 77 -8.87 13.03 -14.91
N ARG A 78 -8.43 12.18 -14.00
CA ARG A 78 -7.53 11.07 -14.27
C ARG A 78 -8.30 9.76 -14.14
N LYS A 79 -7.89 8.74 -14.89
CA LYS A 79 -8.54 7.42 -14.81
C LYS A 79 -7.80 6.51 -13.82
N ILE A 80 -8.55 5.92 -12.88
CA ILE A 80 -7.94 5.15 -11.79
C ILE A 80 -8.65 3.81 -11.56
N VAL A 81 -7.91 2.88 -10.92
CA VAL A 81 -8.45 1.61 -10.42
C VAL A 81 -8.04 1.45 -8.95
N ALA A 82 -9.01 1.14 -8.09
CA ALA A 82 -8.76 1.00 -6.65
C ALA A 82 -9.08 -0.41 -6.19
N MET A 83 -8.29 -0.93 -5.25
CA MET A 83 -8.64 -2.14 -4.52
C MET A 83 -9.47 -1.75 -3.29
N GLN A 84 -10.69 -2.25 -3.22
CA GLN A 84 -11.58 -1.97 -2.07
C GLN A 84 -11.67 -3.28 -1.30
N GLY A 85 -10.84 -3.43 -0.26
CA GLY A 85 -10.60 -4.72 0.34
C GLY A 85 -9.19 -5.20 0.00
N ARG A 86 -8.32 -5.11 0.99
CA ARG A 86 -6.90 -5.35 0.82
C ARG A 86 -6.55 -6.76 1.29
N LEU A 87 -5.60 -7.39 0.60
CA LEU A 87 -5.08 -8.70 0.98
C LEU A 87 -3.79 -8.53 1.76
N HIS A 88 -3.70 -9.15 2.94
CA HIS A 88 -2.50 -9.07 3.79
C HIS A 88 -1.90 -10.45 4.03
N MET A 89 -0.56 -10.51 4.07
CA MET A 89 0.13 -11.80 4.22
CA MET A 89 0.08 -11.82 4.19
C MET A 89 -0.11 -12.44 5.58
N TYR A 90 -0.32 -11.64 6.64
CA TYR A 90 -0.60 -12.22 7.95
C TYR A 90 -1.94 -12.98 7.98
N GLU A 91 -2.81 -12.81 6.98
CA GLU A 91 -4.07 -13.55 6.90
C GLU A 91 -3.89 -14.96 6.30
N GLY A 92 -2.70 -15.27 5.79
CA GLY A 92 -2.40 -16.57 5.24
C GLY A 92 -2.46 -16.66 3.72
N TYR A 93 -2.69 -15.55 3.03
CA TYR A 93 -2.66 -15.55 1.57
C TYR A 93 -1.24 -15.87 1.08
N SER A 94 -1.18 -16.55 -0.06
CA SER A 94 0.11 -16.90 -0.67
C SER A 94 0.70 -15.75 -1.47
N ASN A 95 2.00 -15.88 -1.79
CA ASN A 95 2.70 -14.98 -2.71
C ASN A 95 1.92 -14.74 -4.00
N GLN A 96 1.37 -15.82 -4.56
CA GLN A 96 0.68 -15.73 -5.85
C GLN A 96 -0.62 -14.95 -5.73
N GLU A 97 -1.33 -15.10 -4.59
CA GLU A 97 -2.59 -14.39 -4.40
C GLU A 97 -2.39 -12.87 -4.22
N ILE A 98 -1.35 -12.47 -3.48
CA ILE A 98 -1.03 -11.05 -3.31
C ILE A 98 -0.62 -10.43 -4.63
N ALA A 99 0.12 -11.18 -5.45
CA ALA A 99 0.73 -10.58 -6.63
C ALA A 99 -0.25 -10.43 -7.79
N LEU A 100 -1.25 -11.31 -7.91
CA LEU A 100 -2.07 -11.32 -9.12
C LEU A 100 -2.79 -9.98 -9.34
N PRO A 101 -3.43 -9.36 -8.33
CA PRO A 101 -4.12 -8.09 -8.62
C PRO A 101 -3.20 -6.96 -9.08
N ILE A 102 -1.96 -6.90 -8.59
CA ILE A 102 -1.02 -5.87 -9.03
C ILE A 102 -0.59 -6.13 -10.47
N ARG A 103 -0.35 -7.40 -10.85
CA ARG A 103 0.01 -7.71 -12.24
C ARG A 103 -1.16 -7.47 -13.19
N VAL A 104 -2.41 -7.66 -12.74
CA VAL A 104 -3.58 -7.26 -13.53
C VAL A 104 -3.60 -5.74 -13.73
N MET A 105 -3.32 -4.96 -12.67
CA MET A 105 -3.20 -3.50 -12.85
C MET A 105 -2.20 -3.17 -13.95
N LYS A 106 -1.05 -3.84 -13.96
CA LYS A 106 -0.04 -3.59 -14.98
C LYS A 106 -0.61 -3.82 -16.37
N LEU A 107 -1.28 -4.94 -16.58
CA LEU A 107 -1.84 -5.23 -17.91
C LEU A 107 -2.97 -4.27 -18.31
N LEU A 108 -3.68 -3.68 -17.34
CA LEU A 108 -4.72 -2.68 -17.65
C LEU A 108 -4.14 -1.31 -18.02
N GLY A 109 -2.86 -1.07 -17.75
CA GLY A 109 -2.20 0.17 -18.14
C GLY A 109 -1.66 1.00 -16.99
N VAL A 110 -1.73 0.50 -15.75
CA VAL A 110 -1.32 1.30 -14.60
C VAL A 110 0.19 1.55 -14.66
N ARG A 111 0.59 2.84 -14.49
CA ARG A 111 1.99 3.25 -14.47
C ARG A 111 2.45 3.77 -13.10
N VAL A 112 1.50 4.13 -12.22
CA VAL A 112 1.78 4.70 -10.89
C VAL A 112 0.83 4.06 -9.88
N LEU A 113 1.38 3.59 -8.75
CA LEU A 113 0.61 2.99 -7.65
C LEU A 113 0.78 3.83 -6.39
N LEU A 114 -0.34 4.26 -5.78
CA LEU A 114 -0.35 5.05 -4.56
C LEU A 114 -0.89 4.18 -3.42
N ILE A 115 -0.16 4.14 -2.28
CA ILE A 115 -0.45 3.23 -1.18
C ILE A 115 -0.43 4.00 0.15
N THR A 116 -1.41 3.74 1.02
CA THR A 116 -1.35 4.23 2.40
C THR A 116 -1.45 3.06 3.38
N ASN A 117 -0.92 3.27 4.60
CA ASN A 117 -1.02 2.28 5.67
C ASN A 117 -0.98 2.97 7.04
N LEU A 118 -1.33 2.20 8.07
CA LEU A 118 -1.14 2.61 9.46
C LEU A 118 0.12 1.94 10.01
N ALA A 119 0.90 2.69 10.80
CA ALA A 119 2.19 2.19 11.30
C ALA A 119 2.51 2.72 12.69
N GLY A 120 3.47 2.07 13.34
CA GLY A 120 4.00 2.51 14.62
C GLY A 120 5.28 3.33 14.46
N GLY A 121 5.41 4.39 15.26
CA GLY A 121 6.61 5.23 15.19
C GLY A 121 7.78 4.67 15.99
N ILE A 122 8.95 4.61 15.36
CA ILE A 122 10.20 4.23 16.02
C ILE A 122 11.09 5.45 16.27
N ASN A 123 11.28 6.28 15.25
CA ASN A 123 12.01 7.53 15.39
C ASN A 123 11.36 8.39 16.47
N ARG A 124 12.17 8.91 17.39
CA ARG A 124 11.65 9.57 18.59
C ARG A 124 10.86 10.85 18.31
N LYS A 125 11.06 11.49 17.16
CA LYS A 125 10.37 12.73 16.84
C LYS A 125 9.04 12.53 16.12
N LEU A 126 8.62 11.29 15.90
CA LEU A 126 7.33 11.00 15.28
C LEU A 126 6.25 10.93 16.34
N LYS A 127 5.15 11.64 16.11
CA LYS A 127 3.99 11.70 17.00
C LYS A 127 2.81 10.97 16.36
N SER A 128 1.89 10.49 17.20
CA SER A 128 0.58 10.08 16.72
C SER A 128 -0.05 11.15 15.84
N GLY A 129 -0.50 10.74 14.66
CA GLY A 129 -1.15 11.64 13.71
C GLY A 129 -0.25 12.20 12.64
N ASP A 130 1.07 11.98 12.73
CA ASP A 130 2.01 12.39 11.71
C ASP A 130 1.93 11.47 10.49
N PHE A 131 2.40 12.00 9.36
CA PHE A 131 2.55 11.25 8.11
C PHE A 131 4.02 11.02 7.81
N VAL A 132 4.34 9.85 7.25
CA VAL A 132 5.72 9.54 6.86
C VAL A 132 5.75 9.12 5.39
N LEU A 133 6.42 9.90 4.55
CA LEU A 133 6.72 9.48 3.18
C LEU A 133 7.80 8.41 3.21
N ILE A 134 7.50 7.21 2.73
CA ILE A 134 8.46 6.10 2.83
C ILE A 134 9.53 6.24 1.75
N LYS A 135 10.82 6.23 2.16
CA LYS A 135 11.93 6.36 1.22
C LYS A 135 12.75 5.07 1.04
N GLY A 136 12.48 4.03 1.82
CA GLY A 136 13.20 2.76 1.77
C GLY A 136 12.60 1.84 2.80
N HIS A 137 13.09 0.59 2.82
CA HIS A 137 12.50 -0.40 3.74
C HIS A 137 13.53 -1.42 4.19
N ILE A 138 13.19 -2.10 5.30
CA ILE A 138 13.89 -3.29 5.79
C ILE A 138 12.86 -4.42 5.82
N ASN A 139 13.08 -5.43 4.98
CA ASN A 139 12.11 -6.49 4.67
C ASN A 139 12.50 -7.77 5.41
N PHE A 140 12.08 -7.87 6.69
CA PHE A 140 12.45 -9.08 7.46
C PHE A 140 11.91 -10.35 6.82
N PRO A 141 10.67 -10.43 6.29
CA PRO A 141 10.28 -11.66 5.58
C PRO A 141 11.18 -11.97 4.38
N GLY A 142 11.60 -10.95 3.64
CA GLY A 142 12.46 -11.20 2.48
C GLY A 142 13.83 -11.76 2.86
N LEU A 143 14.46 -11.17 3.87
CA LEU A 143 15.73 -11.72 4.33
C LEU A 143 15.54 -13.17 4.76
N GLY A 144 14.40 -13.49 5.37
CA GLY A 144 14.12 -14.80 5.93
C GLY A 144 13.46 -15.89 5.08
N LEU A 145 13.52 -15.78 3.76
CA LEU A 145 13.04 -16.75 2.75
C LEU A 145 11.52 -16.72 2.59
N ASN A 146 10.85 -15.63 3.00
CA ASN A 146 9.42 -15.40 2.74
C ASN A 146 9.17 -14.18 1.85
N ASN A 147 10.12 -13.83 0.96
CA ASN A 147 9.91 -12.76 -0.02
C ASN A 147 8.72 -13.11 -0.92
N VAL A 148 7.94 -12.09 -1.30
CA VAL A 148 6.79 -12.24 -2.20
C VAL A 148 7.17 -12.82 -3.57
N LEU A 149 8.44 -12.72 -3.98
CA LEU A 149 8.89 -13.26 -5.26
C LEU A 149 9.54 -14.65 -5.17
N VAL A 150 9.55 -15.29 -3.99
CA VAL A 150 10.05 -16.68 -3.93
C VAL A 150 9.13 -17.59 -4.76
N GLY A 151 9.75 -18.38 -5.66
CA GLY A 151 9.07 -19.22 -6.61
C GLY A 151 9.67 -19.03 -8.00
N PRO A 152 9.12 -19.69 -9.01
CA PRO A 152 9.54 -19.42 -10.39
C PRO A 152 9.36 -17.95 -10.71
N ASN A 153 10.28 -17.41 -11.52
CA ASN A 153 10.08 -16.06 -12.04
C ASN A 153 9.11 -16.09 -13.21
N GLN A 154 8.21 -15.10 -13.22
CA GLN A 154 7.31 -14.86 -14.36
C GLN A 154 8.00 -13.82 -15.26
N ASP A 155 8.77 -14.34 -16.22
CA ASP A 155 9.65 -13.50 -17.04
C ASP A 155 8.92 -12.42 -17.84
N GLU A 156 7.64 -12.63 -18.22
CA GLU A 156 6.90 -11.61 -18.94
C GLU A 156 6.73 -10.34 -18.13
N PHE A 157 6.77 -10.41 -16.80
CA PHE A 157 6.57 -9.25 -15.96
C PHE A 157 7.86 -8.55 -15.53
N GLY A 158 8.98 -9.27 -15.38
CA GLY A 158 10.17 -8.67 -14.79
C GLY A 158 11.32 -9.64 -14.62
N PRO A 159 12.44 -9.13 -14.09
CA PRO A 159 13.68 -9.93 -14.02
C PRO A 159 13.73 -10.87 -12.81
N ARG A 160 14.59 -11.90 -12.93
CA ARG A 160 14.75 -12.87 -11.84
C ARG A 160 15.23 -12.20 -10.56
N PHE A 161 16.17 -11.24 -10.66
CA PHE A 161 16.79 -10.57 -9.51
C PHE A 161 16.57 -9.05 -9.58
N PRO A 162 15.43 -8.55 -9.11
CA PRO A 162 15.20 -7.09 -9.17
C PRO A 162 16.05 -6.29 -8.19
N ASP A 163 16.34 -5.06 -8.61
CA ASP A 163 16.98 -4.01 -7.80
C ASP A 163 15.89 -3.12 -7.25
N LEU A 164 15.85 -2.94 -5.93
CA LEU A 164 14.86 -2.12 -5.25
C LEU A 164 15.36 -0.72 -4.90
N SER A 165 16.56 -0.33 -5.37
CA SER A 165 17.13 0.97 -4.94
C SER A 165 16.27 2.17 -5.35
N ASN A 166 15.43 2.06 -6.39
CA ASN A 166 14.54 3.15 -6.80
C ASN A 166 13.08 2.76 -6.67
N ALA A 167 12.75 1.85 -5.74
CA ALA A 167 11.36 1.39 -5.62
C ALA A 167 10.41 2.52 -5.23
N TYR A 168 10.88 3.49 -4.43
CA TYR A 168 10.07 4.61 -3.94
C TYR A 168 10.47 5.87 -4.72
N ASP A 169 9.65 6.24 -5.72
CA ASP A 169 10.00 7.33 -6.64
C ASP A 169 10.27 8.66 -5.93
N ARG A 170 11.44 9.26 -6.22
CA ARG A 170 11.83 10.50 -5.57
C ARG A 170 10.92 11.66 -5.97
N LEU A 171 10.56 11.75 -7.25
CA LEU A 171 9.76 12.89 -7.69
C LEU A 171 8.34 12.85 -7.13
N LEU A 172 7.78 11.66 -6.92
CA LEU A 172 6.46 11.56 -6.29
C LEU A 172 6.52 11.99 -4.82
N GLN A 173 7.61 11.65 -4.11
CA GLN A 173 7.78 12.17 -2.75
C GLN A 173 7.83 13.68 -2.74
N GLN A 174 8.55 14.27 -3.70
CA GLN A 174 8.70 15.72 -3.74
C GLN A 174 7.35 16.40 -4.01
N LEU A 175 6.53 15.80 -4.88
CA LEU A 175 5.21 16.36 -5.15
C LEU A 175 4.30 16.28 -3.93
N ALA A 176 4.31 15.13 -3.22
CA ALA A 176 3.47 15.01 -2.02
C ALA A 176 3.83 16.10 -1.01
N LEU A 177 5.14 16.32 -0.80
CA LEU A 177 5.57 17.36 0.14
C LEU A 177 5.17 18.76 -0.33
N LYS A 178 5.31 19.06 -1.63
CA LYS A 178 4.94 20.37 -2.15
C LYS A 178 3.47 20.68 -1.87
N ILE A 179 2.58 19.70 -2.09
CA ILE A 179 1.15 19.89 -1.85
C ILE A 179 0.88 20.13 -0.36
N ALA A 180 1.62 19.44 0.51
CA ALA A 180 1.50 19.70 1.96
C ALA A 180 1.90 21.14 2.30
N GLN A 181 2.96 21.64 1.67
CA GLN A 181 3.36 23.03 1.91
C GLN A 181 2.30 24.02 1.40
N GLU A 182 1.70 23.75 0.24
CA GLU A 182 0.68 24.64 -0.35
C GLU A 182 -0.54 24.75 0.56
N ASN A 183 -0.80 23.72 1.37
CA ASN A 183 -2.00 23.63 2.20
C ASN A 183 -1.66 23.72 3.69
N ASP A 184 -0.43 24.11 4.03
CA ASP A 184 -0.02 24.51 5.38
C ASP A 184 -0.11 23.37 6.39
N PHE A 185 0.17 22.12 5.96
CA PHE A 185 0.34 21.02 6.93
C PHE A 185 1.69 20.31 6.80
N GLN A 186 2.70 20.99 6.25
CA GLN A 186 4.00 20.35 6.09
C GLN A 186 4.64 19.99 7.42
N ASP A 187 4.22 20.61 8.52
CA ASP A 187 4.76 20.29 9.83
C ASP A 187 4.38 18.88 10.30
N LEU A 188 3.38 18.26 9.66
CA LEU A 188 2.97 16.89 9.93
C LEU A 188 3.74 15.86 9.12
N VAL A 189 4.53 16.27 8.13
CA VAL A 189 5.06 15.37 7.11
C VAL A 189 6.57 15.17 7.32
N HIS A 190 6.96 13.91 7.43
CA HIS A 190 8.32 13.44 7.61
C HIS A 190 8.68 12.47 6.49
N GLU A 191 9.95 12.04 6.44
CA GLU A 191 10.36 10.93 5.58
C GLU A 191 11.05 9.88 6.43
N GLY A 192 11.06 8.64 5.95
CA GLY A 192 11.74 7.62 6.74
C GLY A 192 11.71 6.23 6.13
N VAL A 193 12.41 5.32 6.85
CA VAL A 193 12.61 3.91 6.48
C VAL A 193 11.56 3.05 7.19
N TYR A 194 10.87 2.18 6.42
CA TYR A 194 9.78 1.32 6.90
C TYR A 194 10.27 -0.11 7.16
N ALA A 195 10.10 -0.58 8.40
CA ALA A 195 10.34 -1.97 8.74
C ALA A 195 9.06 -2.79 8.55
N PHE A 196 9.16 -3.89 7.78
CA PHE A 196 8.05 -4.83 7.57
C PHE A 196 8.12 -5.93 8.63
N ASN A 197 7.17 -5.88 9.58
CA ASN A 197 6.89 -6.92 10.56
C ASN A 197 5.76 -7.78 9.98
N GLY A 198 6.05 -9.04 9.67
CA GLY A 198 5.02 -9.88 9.06
C GLY A 198 3.69 -9.87 9.81
N GLY A 199 3.72 -9.83 11.14
CA GLY A 199 2.49 -9.79 11.94
C GLY A 199 1.84 -11.14 12.21
N PRO A 200 0.64 -11.15 12.80
CA PRO A 200 -0.26 -10.02 13.13
C PRO A 200 -0.12 -9.43 14.54
N THR A 201 0.78 -9.95 15.37
CA THR A 201 1.05 -9.30 16.65
C THR A 201 1.80 -7.98 16.43
N TYR A 202 1.40 -6.95 17.17
CA TYR A 202 2.21 -5.73 17.19
C TYR A 202 3.63 -6.07 17.62
N GLU A 203 4.57 -5.26 17.16
CA GLU A 203 5.97 -5.38 17.60
C GLU A 203 6.05 -5.34 19.12
N SER A 204 6.83 -6.27 19.71
CA SER A 204 6.99 -6.26 21.15
C SER A 204 7.85 -5.09 21.57
N PRO A 205 7.80 -4.70 22.84
CA PRO A 205 8.66 -3.58 23.28
C PRO A 205 10.14 -3.78 22.97
N ASP A 206 10.66 -4.99 23.17
CA ASP A 206 12.06 -5.25 22.89
C ASP A 206 12.36 -5.30 21.39
N GLU A 207 11.40 -5.77 20.56
CA GLU A 207 11.56 -5.63 19.12
C GLU A 207 11.60 -4.15 18.69
N SER A 208 10.76 -3.31 19.30
CA SER A 208 10.85 -1.87 18.98
C SER A 208 12.24 -1.30 19.27
N ASN A 209 12.81 -1.63 20.42
CA ASN A 209 14.15 -1.15 20.75
C ASN A 209 15.18 -1.65 19.73
N MET A 210 15.06 -2.91 19.28
CA MET A 210 15.95 -3.42 18.25
C MET A 210 15.84 -2.62 16.95
N LEU A 211 14.61 -2.28 16.53
CA LEU A 211 14.41 -1.55 15.27
C LEU A 211 15.00 -0.14 15.34
N LEU A 212 14.96 0.47 16.51
CA LEU A 212 15.65 1.73 16.71
C LEU A 212 17.15 1.60 16.45
N LYS A 213 17.78 0.56 17.01
CA LYS A 213 19.21 0.33 16.78
C LYS A 213 19.53 0.13 15.30
N LEU A 214 18.61 -0.43 14.51
CA LEU A 214 18.89 -0.86 13.13
C LEU A 214 18.56 0.20 12.08
N GLY A 215 18.19 1.40 12.49
CA GLY A 215 17.95 2.47 11.55
C GLY A 215 16.54 2.60 11.01
N CYS A 216 15.54 2.01 11.68
CA CYS A 216 14.15 2.09 11.22
C CYS A 216 13.45 3.31 11.80
N ASP A 217 12.60 3.94 10.98
CA ASP A 217 11.80 5.07 11.44
C ASP A 217 10.37 4.69 11.80
N VAL A 218 9.79 3.71 11.11
CA VAL A 218 8.41 3.28 11.34
C VAL A 218 8.35 1.76 11.15
N VAL A 219 7.30 1.13 11.67
CA VAL A 219 7.10 -0.32 11.53
C VAL A 219 5.64 -0.62 11.24
N GLY A 220 5.40 -1.55 10.31
CA GLY A 220 4.05 -1.99 10.01
C GLY A 220 3.99 -3.37 9.37
N MET A 221 2.76 -3.81 9.07
CA MET A 221 2.50 -5.19 8.67
C MET A 221 2.04 -5.33 7.22
N SER A 222 2.28 -4.34 6.37
CA SER A 222 1.76 -4.37 5.00
C SER A 222 2.76 -3.70 4.06
N THR A 223 2.31 -3.46 2.82
CA THR A 223 2.87 -2.52 1.83
C THR A 223 4.10 -3.05 1.09
N VAL A 224 5.11 -3.55 1.80
CA VAL A 224 6.34 -4.00 1.14
C VAL A 224 6.07 -5.09 0.09
N PRO A 225 5.20 -6.08 0.32
CA PRO A 225 4.94 -7.07 -0.76
C PRO A 225 4.42 -6.44 -2.04
N GLU A 226 3.45 -5.52 -1.92
CA GLU A 226 2.91 -4.82 -3.08
C GLU A 226 3.96 -3.95 -3.77
N VAL A 227 4.78 -3.23 -2.99
CA VAL A 227 5.88 -2.43 -3.56
C VAL A 227 6.80 -3.30 -4.42
N ILE A 228 7.18 -4.48 -3.91
CA ILE A 228 8.11 -5.35 -4.64
C ILE A 228 7.49 -5.86 -5.95
N ILE A 229 6.21 -6.26 -5.94
CA ILE A 229 5.59 -6.74 -7.18
C ILE A 229 5.49 -5.58 -8.19
N ALA A 230 5.12 -4.38 -7.72
CA ALA A 230 5.07 -3.21 -8.59
C ALA A 230 6.44 -2.88 -9.20
N CYS A 231 7.48 -2.85 -8.38
CA CYS A 231 8.83 -2.52 -8.87
C CYS A 231 9.31 -3.55 -9.89
N HIS A 232 9.07 -4.83 -9.59
CA HIS A 232 9.45 -5.91 -10.50
C HIS A 232 8.91 -5.67 -11.92
N CYS A 233 7.68 -5.17 -12.04
CA CYS A 233 7.07 -4.98 -13.37
C CYS A 233 7.06 -3.52 -13.84
N GLY A 234 7.83 -2.63 -13.20
CA GLY A 234 8.03 -1.29 -13.71
C GLY A 234 7.00 -0.23 -13.36
N ILE A 235 6.21 -0.44 -12.31
CA ILE A 235 5.22 0.52 -11.83
C ILE A 235 5.87 1.39 -10.75
N LYS A 236 5.77 2.72 -10.90
CA LYS A 236 6.27 3.68 -9.90
C LYS A 236 5.38 3.68 -8.67
N VAL A 237 5.97 3.90 -7.49
CA VAL A 237 5.25 3.80 -6.22
C VAL A 237 5.45 5.05 -5.37
N LEU A 238 4.34 5.55 -4.76
CA LEU A 238 4.37 6.45 -3.60
C LEU A 238 3.67 5.74 -2.45
N ALA A 239 4.32 5.64 -1.29
CA ALA A 239 3.76 4.96 -0.11
C ALA A 239 3.85 5.88 1.09
N VAL A 240 2.73 6.06 1.81
CA VAL A 240 2.65 6.99 2.94
C VAL A 240 2.09 6.26 4.17
N SER A 241 2.80 6.34 5.30
CA SER A 241 2.35 5.81 6.58
C SER A 241 1.70 6.90 7.44
N LEU A 242 0.53 6.57 8.03
CA LEU A 242 -0.06 7.37 9.12
C LEU A 242 0.38 6.77 10.46
N ILE A 243 0.96 7.60 11.35
CA ILE A 243 1.53 7.10 12.59
C ILE A 243 0.43 6.99 13.64
N ALA A 244 0.23 5.78 14.16
CA ALA A 244 -0.76 5.58 15.20
C ALA A 244 -0.23 5.83 16.61
N ASN A 245 1.09 5.70 16.81
CA ASN A 245 1.68 5.74 18.15
C ASN A 245 3.19 5.79 17.99
N ASN A 246 3.88 6.13 19.07
CA ASN A 246 5.33 5.97 19.13
C ASN A 246 5.63 4.74 19.98
N SER A 247 6.05 3.66 19.32
CA SER A 247 6.27 2.41 20.02
C SER A 247 7.46 2.50 20.96
N ILE A 248 8.44 3.38 20.68
CA ILE A 248 9.60 3.51 21.57
C ILE A 248 9.20 4.22 22.87
N LEU A 249 8.43 5.31 22.79
CA LEU A 249 7.95 5.94 24.01
C LEU A 249 7.06 5.00 24.80
N ASP A 250 6.19 4.27 24.12
CA ASP A 250 5.31 3.33 24.84
C ASP A 250 6.14 2.24 25.54
N ALA A 251 7.21 1.77 24.92
CA ALA A 251 8.06 0.79 25.58
C ALA A 251 8.74 1.37 26.82
N GLU A 252 9.23 2.61 26.73
CA GLU A 252 9.93 3.23 27.87
C GLU A 252 8.99 3.56 29.03
N ASN A 253 7.71 3.79 28.75
CA ASN A 253 6.71 4.16 29.74
C ASN A 253 5.84 2.98 30.19
N ASP A 254 6.00 1.79 29.59
CA ASP A 254 5.18 0.62 29.93
C ASP A 254 3.69 0.85 29.63
N VAL A 255 3.41 1.43 28.47
CA VAL A 255 2.07 1.75 27.99
C VAL A 255 1.68 0.86 26.80
N SER A 256 0.38 0.53 26.69
CA SER A 256 -0.13 -0.45 25.72
C SER A 256 -0.65 0.20 24.42
N ILE A 257 -0.97 -0.66 23.46
CA ILE A 257 -1.47 -0.25 22.15
C ILE A 257 -2.46 -1.30 21.67
N ASN A 258 -3.45 -0.85 20.91
CA ASN A 258 -4.52 -1.74 20.46
C ASN A 258 -5.09 -1.24 19.14
N HIS A 259 -5.85 -2.12 18.48
CA HIS A 259 -6.48 -1.76 17.21
C HIS A 259 -7.46 -0.58 17.38
N GLU A 260 -8.07 -0.45 18.56
CA GLU A 260 -9.05 0.62 18.78
C GLU A 260 -8.38 2.00 18.73
N LYS A 261 -7.28 2.17 19.47
CA LYS A 261 -6.56 3.43 19.43
C LYS A 261 -6.06 3.74 18.02
N VAL A 262 -5.56 2.73 17.32
CA VAL A 262 -5.14 2.94 15.95
C VAL A 262 -6.29 3.51 15.12
N LEU A 263 -7.51 2.97 15.29
CA LEU A 263 -8.58 3.37 14.41
C LEU A 263 -9.06 4.79 14.71
N ALA A 264 -8.97 5.24 15.97
CA ALA A 264 -9.33 6.62 16.29
C ALA A 264 -8.38 7.62 15.63
N VAL A 265 -7.09 7.28 15.53
CA VAL A 265 -6.14 8.12 14.81
C VAL A 265 -6.52 8.18 13.33
N ALA A 266 -6.87 7.05 12.73
CA ALA A 266 -7.32 7.05 11.34
C ALA A 266 -8.49 8.01 11.14
N GLU A 267 -9.49 7.98 12.04
CA GLU A 267 -10.65 8.85 11.85
C GLU A 267 -10.25 10.32 11.96
N LYS A 268 -9.29 10.63 12.84
CA LYS A 268 -8.87 12.02 13.00
C LYS A 268 -8.23 12.57 11.72
N ARG A 269 -7.50 11.74 10.98
CA ARG A 269 -6.73 12.21 9.82
C ARG A 269 -7.35 11.81 8.47
N ALA A 270 -8.49 11.10 8.46
CA ALA A 270 -9.07 10.57 7.22
C ALA A 270 -9.36 11.65 6.17
N ASP A 271 -10.03 12.73 6.56
CA ASP A 271 -10.44 13.75 5.59
C ASP A 271 -9.24 14.46 4.99
N LEU A 272 -8.23 14.77 5.81
CA LEU A 272 -7.02 15.41 5.32
C LEU A 272 -6.29 14.51 4.32
N LEU A 273 -6.14 13.23 4.65
CA LEU A 273 -5.46 12.29 3.76
C LEU A 273 -6.22 12.14 2.44
N GLN A 274 -7.55 12.11 2.50
CA GLN A 274 -8.37 12.01 1.29
C GLN A 274 -8.14 13.20 0.35
N MET A 275 -8.12 14.42 0.89
N MET A 275 -8.13 14.43 0.90
CA MET A 275 -7.90 15.59 0.05
CA MET A 275 -7.91 15.61 0.08
C MET A 275 -6.49 15.63 -0.49
C MET A 275 -6.49 15.64 -0.48
N TRP A 276 -5.51 15.23 0.33
CA TRP A 276 -4.13 15.17 -0.12
C TRP A 276 -3.96 14.25 -1.33
N PHE A 277 -4.48 13.02 -1.23
CA PHE A 277 -4.33 12.05 -2.31
C PHE A 277 -5.17 12.42 -3.53
N LYS A 278 -6.33 13.09 -3.36
CA LYS A 278 -7.07 13.57 -4.54
C LYS A 278 -6.23 14.59 -5.31
N GLU A 279 -5.54 15.48 -4.59
CA GLU A 279 -4.70 16.49 -5.25
C GLU A 279 -3.44 15.87 -5.87
N ILE A 280 -2.81 14.89 -5.19
CA ILE A 280 -1.68 14.17 -5.79
C ILE A 280 -2.10 13.53 -7.12
N ILE A 281 -3.24 12.83 -7.14
CA ILE A 281 -3.74 12.21 -8.37
C ILE A 281 -3.91 13.26 -9.47
N THR A 282 -4.58 14.39 -9.13
CA THR A 282 -4.84 15.45 -10.12
C THR A 282 -3.54 15.97 -10.73
N ARG A 283 -2.46 16.04 -9.92
CA ARG A 283 -1.22 16.70 -10.28
C ARG A 283 -0.13 15.79 -10.85
N LEU A 284 -0.29 14.46 -10.78
CA LEU A 284 0.76 13.56 -11.22
C LEU A 284 1.17 13.84 -12.66
N PRO A 285 2.48 13.81 -12.96
CA PRO A 285 2.90 14.15 -14.33
C PRO A 285 2.15 13.36 -15.41
#